data_3PDR
#
_entry.id   3PDR
#
_cell.length_a   68.780
_cell.length_b   102.487
_cell.length_c   126.375
_cell.angle_alpha   90.00
_cell.angle_beta   90.00
_cell.angle_gamma   90.00
#
_symmetry.space_group_name_H-M   'P 21 21 21'
#
loop_
_entity.id
_entity.type
_entity.pdbx_description
1 polymer 'M-box Riboswitch RNA'
2 non-polymer 'POTASSIUM ION'
3 non-polymer 'MANGANESE (II) ION'
4 water water
#
_entity_poly.entity_id   1
_entity_poly.type   'polyribonucleotide'
_entity_poly.pdbx_seq_one_letter_code
;GGGCUUCGUUAGGUGAGGCUCCUGUAUGGAGAUACGCUGCUGCCCAAAAAUGUCCAAAGACGCCAAUGGGUCAACAGAAA
UCAUCGACAUAAGGUGAUUUUUAAUGCAGCUGGAUGCUUGUCCUAUGCCAUACAGUGCUAAAGCUCUACGAUUGAAGCCC
A
;
_entity_poly.pdbx_strand_id   X,A
#
loop_
_chem_comp.id
_chem_comp.type
_chem_comp.name
_chem_comp.formula
A RNA linking ADENOSINE-5'-MONOPHOSPHATE 'C10 H14 N5 O7 P'
C RNA linking CYTIDINE-5'-MONOPHOSPHATE 'C9 H14 N3 O8 P'
G RNA linking GUANOSINE-5'-MONOPHOSPHATE 'C10 H14 N5 O8 P'
K non-polymer 'POTASSIUM ION' 'K 1'
MN non-polymer 'MANGANESE (II) ION' 'Mn 2'
U RNA linking URIDINE-5'-MONOPHOSPHATE 'C9 H13 N2 O9 P'
#
# COMPACT_ATOMS: atom_id res chain seq x y z
K K C . 13.63 -9.67 4.07
K K D . 23.31 0.89 21.28
K K E . 24.54 -18.04 12.41
MN MN F . 5.17 -5.55 15.21
MN MN G . 7.81 -10.33 11.42
MN MN H . 16.62 -13.90 8.89
MN MN I . 23.34 -12.42 21.62
MN MN J . 30.52 25.32 6.38
MN MN K . 24.48 13.83 -10.32
MN MN L . 14.43 2.78 18.21
MN MN M . 20.92 33.14 -18.83
MN MN N . 39.06 39.23 -25.02
MN MN O . 9.52 -3.40 -6.71
MN MN P . -7.77 -12.86 31.65
MN MN Q . 32.25 36.81 -18.43
K K R . -3.82 -1.88 -10.27
K K S . -24.11 6.39 -7.02
K K T . -12.27 2.84 -24.09
MN MN U . -4.91 10.88 -3.20
MN MN V . -2.82 7.26 -8.25
MN MN W . -6.61 1.89 -15.74
MN MN X . -18.63 9.30 -18.54
MN MN Y . -28.23 -2.74 -16.79
MN MN Z . -33.82 -14.72 -10.64
MN MN AA . -34.38 -14.23 10.70
MN MN BA . -16.10 -23.92 4.67
MN MN CA . -17.01 7.74 -0.61
MN MN DA . -28.58 -7.71 -6.81
MN MN EA . -23.60 -30.18 24.47
MN MN FA . -26.31 -48.50 16.24
MN MN GA . 3.38 31.73 -5.95
#